data_4DID
#
_entry.id   4DID
#
_cell.length_a   106.880
_cell.length_b   106.880
_cell.length_c   87.570
_cell.angle_alpha   90.00
_cell.angle_beta   90.00
_cell.angle_gamma   90.00
#
_symmetry.space_group_name_H-M   'P 43 21 2'
#
loop_
_entity.id
_entity.type
_entity.pdbx_description
1 polymer 'Cell division control protein 42 homolog'
2 polymer 'Inositol phosphate phosphatase sopB'
3 non-polymer "GUANOSINE-5'-DIPHOSPHATE"
4 non-polymer 'MAGNESIUM ION'
5 water water
#
loop_
_entity_poly.entity_id
_entity_poly.type
_entity_poly.pdbx_seq_one_letter_code
_entity_poly.pdbx_strand_id
1 'polypeptide(L)'
;MGSSHHHHHHMQTIKCVVVGDGAVGKTCLLISYTTNKFPSEYVPTVFDNYAVTVMIGGEPYTLGLFDTAGQEDYDRLRPL
SYPQTDVFLVCFSVVSPSSFENVKEKWVPEITHHCPKTPFLLVGTQIDLRDDPSTIEKLAKNKQKPITPETAEKLARDLK
AVKYVECSALTQKGLKNVFDEAILAALEPPEPK
;
A
2 'polypeptide(L)'
;QILSGQGKAPAKAPDARPEIIVLREPGATWGNYLQHQKASNHSLHNLYNLQRDLLTVAATVLGKQDPVLTSMANQMELAK
VKADRPATKQEEAAAKALKKNLIELIAARTQQQDGLPAKEAHRFAAVAFRDAQVKQLNNQPWQTIKNTLTHN
;
B
#
loop_
_chem_comp.id
_chem_comp.type
_chem_comp.name
_chem_comp.formula
GDP RNA linking GUANOSINE-5'-DIPHOSPHATE 'C10 H15 N5 O11 P2'
MG non-polymer 'MAGNESIUM ION' 'Mg 2'
#
# COMPACT_ATOMS: atom_id res chain seq x y z
N MET A 11 -2.64 -18.58 14.01
CA MET A 11 -2.03 -17.35 14.53
C MET A 11 -2.89 -16.12 14.18
N GLN A 12 -3.04 -15.18 15.12
CA GLN A 12 -3.77 -13.94 14.88
C GLN A 12 -2.93 -12.98 14.03
N THR A 13 -3.60 -12.17 13.22
CA THR A 13 -2.92 -11.43 12.17
C THR A 13 -3.23 -9.93 12.15
N ILE A 14 -2.18 -9.11 12.12
CA ILE A 14 -2.35 -7.67 11.91
C ILE A 14 -1.97 -7.26 10.47
N LYS A 15 -2.93 -6.71 9.73
CA LYS A 15 -2.64 -6.23 8.39
C LYS A 15 -2.56 -4.71 8.39
N CYS A 16 -1.38 -4.18 8.04
CA CYS A 16 -1.14 -2.75 8.07
C CYS A 16 -0.88 -2.25 6.65
N VAL A 17 -1.63 -1.26 6.19
CA VAL A 17 -1.43 -0.75 4.85
C VAL A 17 -0.94 0.69 4.88
N VAL A 18 0.11 0.95 4.10
CA VAL A 18 0.74 2.26 4.05
C VAL A 18 0.29 3.01 2.80
N VAL A 19 -0.19 4.23 3.00
CA VAL A 19 -0.89 4.97 1.97
C VAL A 19 -0.38 6.40 1.99
N GLY A 20 -0.33 7.04 0.82
CA GLY A 20 0.08 8.44 0.74
C GLY A 20 0.58 8.82 -0.64
N ASP A 21 0.89 10.10 -0.82
CA ASP A 21 1.41 10.61 -2.09
C ASP A 21 2.74 9.99 -2.52
N GLY A 22 2.98 9.93 -3.84
CA GLY A 22 4.26 9.50 -4.36
C GLY A 22 5.40 10.36 -3.81
N ALA A 23 6.56 9.75 -3.62
CA ALA A 23 7.77 10.46 -3.18
C ALA A 23 7.83 10.92 -1.71
N VAL A 24 6.79 10.66 -0.92
CA VAL A 24 6.87 10.99 0.51
C VAL A 24 7.76 10.04 1.33
N GLY A 25 8.12 8.88 0.78
CA GLY A 25 9.00 7.96 1.49
C GLY A 25 8.31 6.70 2.04
N LYS A 26 7.18 6.33 1.44
CA LYS A 26 6.44 5.14 1.88
C LYS A 26 7.32 3.87 1.84
N THR A 27 7.88 3.58 0.67
CA THR A 27 8.67 2.36 0.47
C THR A 27 9.92 2.30 1.34
N CYS A 28 10.64 3.42 1.45
CA CYS A 28 11.88 3.50 2.24
C CYS A 28 11.63 3.38 3.72
N LEU A 29 10.52 3.94 4.18
CA LEU A 29 10.11 3.79 5.57
C LEU A 29 9.92 2.29 5.87
N LEU A 30 9.30 1.59 4.93
CA LEU A 30 9.05 0.17 5.14
C LEU A 30 10.36 -0.64 5.13
N ILE A 31 11.26 -0.32 4.22
CA ILE A 31 12.54 -1.06 4.10
C ILE A 31 13.47 -0.77 5.29
N SER A 32 13.55 0.50 5.67
CA SER A 32 14.40 0.89 6.79
C SER A 32 13.89 0.24 8.08
N TYR A 33 12.57 0.21 8.26
CA TYR A 33 12.02 -0.40 9.47
C TYR A 33 12.29 -1.90 9.47
N THR A 34 12.00 -2.58 8.36
CA THR A 34 12.10 -4.04 8.37
C THR A 34 13.52 -4.55 8.28
N THR A 35 14.40 -3.81 7.59
CA THR A 35 15.77 -4.29 7.40
C THR A 35 16.80 -3.56 8.26
N ASN A 36 16.37 -2.48 8.93
CA ASN A 36 17.28 -1.57 9.65
C ASN A 36 18.35 -0.94 8.75
N LYS A 37 18.08 -0.87 7.45
CA LYS A 37 18.98 -0.18 6.51
C LYS A 37 18.20 0.72 5.60
N PHE A 38 18.74 1.89 5.31
CA PHE A 38 18.12 2.78 4.36
C PHE A 38 18.57 2.40 2.97
N PRO A 39 17.61 2.25 2.04
CA PRO A 39 17.96 1.82 0.68
C PRO A 39 18.35 2.96 -0.27
N SER A 40 19.43 2.78 -1.02
CA SER A 40 19.74 3.69 -2.14
C SER A 40 19.78 2.94 -3.47
N GLU A 41 20.11 1.66 -3.43
CA GLU A 41 20.40 0.93 -4.67
C GLU A 41 19.18 0.20 -5.26
N TYR A 42 18.35 -0.33 -4.37
CA TYR A 42 17.11 -0.98 -4.80
C TYR A 42 15.98 -0.33 -4.05
N VAL A 43 15.27 0.56 -4.72
CA VAL A 43 14.01 1.08 -4.20
C VAL A 43 12.91 0.84 -5.23
N PRO A 44 12.14 -0.26 -5.04
CA PRO A 44 11.00 -0.49 -5.94
C PRO A 44 9.94 0.58 -5.68
N THR A 45 8.96 0.68 -6.57
CA THR A 45 7.86 1.60 -6.32
C THR A 45 7.05 1.07 -5.15
N VAL A 46 6.78 -0.24 -5.15
CA VAL A 46 6.03 -0.90 -4.09
C VAL A 46 6.88 -1.95 -3.34
N PHE A 47 7.04 -1.75 -2.03
CA PHE A 47 7.68 -2.70 -1.10
C PHE A 47 7.44 -4.17 -1.44
N ASP A 48 8.51 -4.96 -1.41
CA ASP A 48 8.40 -6.42 -1.56
C ASP A 48 7.55 -7.07 -0.46
N ASN A 49 6.92 -8.20 -0.80
CA ASN A 49 6.10 -8.97 0.11
C ASN A 49 6.77 -9.18 1.46
N TYR A 50 6.06 -8.82 2.54
CA TYR A 50 6.65 -8.90 3.87
C TYR A 50 5.66 -9.35 4.93
N ALA A 51 6.11 -10.26 5.79
CA ALA A 51 5.37 -10.69 6.96
C ALA A 51 6.38 -11.09 8.04
N VAL A 52 6.05 -10.82 9.31
CA VAL A 52 6.97 -11.12 10.42
C VAL A 52 6.21 -11.54 11.68
N THR A 53 6.87 -12.28 12.57
CA THR A 53 6.28 -12.60 13.87
C THR A 53 6.49 -11.46 14.87
N VAL A 54 5.38 -10.98 15.46
CA VAL A 54 5.49 -10.03 16.57
C VAL A 54 4.90 -10.62 17.86
N MET A 55 5.69 -10.53 18.94
CA MET A 55 5.22 -10.97 20.27
C MET A 55 4.61 -9.77 20.97
N ILE A 56 3.32 -9.84 21.23
CA ILE A 56 2.59 -8.75 21.89
C ILE A 56 2.00 -9.31 23.19
N GLY A 57 2.57 -8.89 24.33
CA GLY A 57 2.18 -9.41 25.62
C GLY A 57 2.30 -10.93 25.70
N GLY A 58 3.40 -11.48 25.21
CA GLY A 58 3.60 -12.93 25.22
C GLY A 58 2.85 -13.71 24.16
N GLU A 59 1.98 -13.03 23.40
CA GLU A 59 1.21 -13.70 22.34
C GLU A 59 1.78 -13.41 20.93
N PRO A 60 2.00 -14.47 20.14
CA PRO A 60 2.55 -14.31 18.79
C PRO A 60 1.51 -13.87 17.76
N TYR A 61 1.83 -12.77 17.10
CA TYR A 61 1.00 -12.26 16.02
C TYR A 61 1.76 -12.29 14.72
N THR A 62 1.04 -12.54 13.61
CA THR A 62 1.59 -12.30 12.29
C THR A 62 1.41 -10.80 11.96
N LEU A 63 2.49 -10.12 11.57
CA LEU A 63 2.35 -8.74 11.09
C LEU A 63 2.68 -8.67 9.59
N GLY A 64 1.69 -8.28 8.76
CA GLY A 64 1.84 -8.09 7.34
C GLY A 64 1.81 -6.61 6.95
N LEU A 65 2.86 -6.16 6.28
CA LEU A 65 2.98 -4.73 5.94
C LEU A 65 2.82 -4.56 4.40
N PHE A 66 1.92 -3.68 3.98
CA PHE A 66 1.56 -3.55 2.58
C PHE A 66 1.80 -2.12 2.15
N ASP A 67 2.61 -1.94 1.11
CA ASP A 67 2.89 -0.63 0.55
C ASP A 67 1.85 -0.39 -0.56
N THR A 68 1.77 0.82 -1.10
CA THR A 68 0.87 1.10 -2.22
C THR A 68 1.49 2.05 -3.24
N ALA A 69 0.90 2.10 -4.42
CA ALA A 69 1.28 3.07 -5.44
C ALA A 69 0.33 4.27 -5.36
N GLY A 70 0.84 5.43 -4.97
CA GLY A 70 -0.02 6.58 -4.73
C GLY A 70 -0.42 7.43 -5.93
N GLN A 71 0.15 7.15 -7.11
CA GLN A 71 -0.14 7.97 -8.30
C GLN A 71 -1.57 7.70 -8.80
N GLU A 72 -2.20 8.69 -9.42
CA GLU A 72 -3.61 8.56 -9.78
C GLU A 72 -3.89 7.51 -10.85
N ASP A 73 -2.86 7.15 -11.62
CA ASP A 73 -2.97 6.05 -12.58
C ASP A 73 -3.51 4.76 -11.95
N TYR A 74 -3.30 4.62 -10.64
CA TYR A 74 -3.57 3.36 -9.92
C TYR A 74 -4.81 3.44 -9.04
N ASP A 75 -5.49 4.58 -9.09
CA ASP A 75 -6.62 4.86 -8.21
C ASP A 75 -7.69 3.78 -8.20
N ARG A 76 -7.87 3.10 -9.33
CA ARG A 76 -8.85 2.02 -9.38
C ARG A 76 -8.25 0.66 -9.05
N LEU A 77 -6.93 0.59 -8.89
CA LEU A 77 -6.26 -0.68 -8.60
C LEU A 77 -5.78 -0.77 -7.16
N ARG A 78 -5.33 0.36 -6.64
CA ARG A 78 -4.81 0.46 -5.29
C ARG A 78 -5.71 -0.15 -4.18
N PRO A 79 -7.05 0.10 -4.22
CA PRO A 79 -7.86 -0.44 -3.13
C PRO A 79 -8.05 -1.96 -3.13
N LEU A 80 -7.45 -2.66 -4.09
CA LEU A 80 -7.55 -4.13 -4.08
C LEU A 80 -6.86 -4.71 -2.84
N SER A 81 -5.97 -3.92 -2.24
CA SER A 81 -5.17 -4.36 -1.14
C SER A 81 -5.76 -3.91 0.21
N TYR A 82 -6.89 -3.22 0.17
CA TYR A 82 -7.57 -2.73 1.39
C TYR A 82 -8.38 -3.76 2.21
N PRO A 83 -9.08 -4.72 1.56
CA PRO A 83 -9.85 -5.69 2.36
C PRO A 83 -9.08 -6.25 3.57
N GLN A 84 -9.76 -6.41 4.71
CA GLN A 84 -9.18 -6.99 5.92
C GLN A 84 -8.05 -6.19 6.56
N THR A 85 -7.92 -4.92 6.19
CA THR A 85 -6.88 -4.09 6.78
C THR A 85 -7.25 -3.74 8.23
N ASP A 86 -6.27 -3.82 9.13
CA ASP A 86 -6.52 -3.59 10.55
C ASP A 86 -6.11 -2.19 10.99
N VAL A 87 -5.16 -1.60 10.26
CA VAL A 87 -4.74 -0.23 10.52
C VAL A 87 -4.10 0.35 9.25
N PHE A 88 -4.37 1.62 8.95
CA PHE A 88 -3.69 2.31 7.85
C PHE A 88 -2.67 3.26 8.40
N LEU A 89 -1.59 3.45 7.63
CA LEU A 89 -0.66 4.55 7.89
C LEU A 89 -0.83 5.55 6.76
N VAL A 90 -1.36 6.72 7.10
CA VAL A 90 -1.56 7.76 6.09
C VAL A 90 -0.40 8.72 6.16
N CYS A 91 0.40 8.73 5.10
CA CYS A 91 1.72 9.36 5.16
C CYS A 91 1.82 10.67 4.38
N PHE A 92 2.68 11.56 4.86
CA PHE A 92 3.02 12.77 4.15
C PHE A 92 4.42 13.19 4.60
N SER A 93 5.18 13.79 3.69
CA SER A 93 6.49 14.34 4.05
C SER A 93 6.32 15.70 4.73
N VAL A 94 7.09 15.93 5.80
CA VAL A 94 6.95 17.19 6.54
C VAL A 94 7.60 18.36 5.81
N VAL A 95 8.28 18.08 4.70
CA VAL A 95 8.81 19.14 3.85
C VAL A 95 8.09 19.17 2.51
N SER A 96 6.88 18.61 2.48
CA SER A 96 6.01 18.67 1.31
C SER A 96 4.57 19.00 1.69
N PRO A 97 4.24 20.31 1.76
CA PRO A 97 2.91 20.79 2.13
C PRO A 97 1.86 20.25 1.17
N SER A 98 2.27 20.11 -0.08
CA SER A 98 1.46 19.48 -1.11
C SER A 98 0.94 18.10 -0.65
N SER A 99 1.83 17.26 -0.13
CA SER A 99 1.43 15.93 0.37
C SER A 99 0.57 16.00 1.63
N PHE A 100 0.85 16.98 2.48
CA PHE A 100 0.04 17.21 3.67
C PHE A 100 -1.41 17.52 3.31
N GLU A 101 -1.57 18.41 2.33
CA GLU A 101 -2.87 18.77 1.81
C GLU A 101 -3.65 17.56 1.29
N ASN A 102 -2.97 16.70 0.55
CA ASN A 102 -3.64 15.53 -0.03
C ASN A 102 -4.09 14.49 0.99
N VAL A 103 -3.56 14.56 2.21
CA VAL A 103 -4.06 13.73 3.30
C VAL A 103 -5.54 14.03 3.52
N LYS A 104 -5.86 15.32 3.55
CA LYS A 104 -7.21 15.79 3.82
C LYS A 104 -8.13 15.56 2.62
N GLU A 105 -7.62 15.83 1.43
CA GLU A 105 -8.48 15.81 0.24
C GLU A 105 -8.56 14.47 -0.52
N LYS A 106 -7.56 13.62 -0.38
CA LYS A 106 -7.55 12.35 -1.10
C LYS A 106 -7.52 11.13 -0.18
N TRP A 107 -6.46 11.04 0.63
CA TRP A 107 -6.15 9.78 1.32
C TRP A 107 -7.17 9.34 2.36
N VAL A 108 -7.42 10.17 3.36
CA VAL A 108 -8.45 9.86 4.35
C VAL A 108 -9.86 9.68 3.75
N PRO A 109 -10.26 10.54 2.80
CA PRO A 109 -11.52 10.22 2.12
C PRO A 109 -11.51 8.84 1.44
N GLU A 110 -10.37 8.45 0.86
CA GLU A 110 -10.27 7.18 0.14
C GLU A 110 -10.40 5.98 1.09
N ILE A 111 -9.58 5.95 2.12
CA ILE A 111 -9.59 4.80 3.03
C ILE A 111 -10.88 4.72 3.87
N THR A 112 -11.52 5.85 4.10
CA THR A 112 -12.74 5.82 4.89
C THR A 112 -13.95 5.52 4.03
N HIS A 113 -13.80 5.68 2.71
CA HIS A 113 -14.86 5.21 1.82
C HIS A 113 -14.83 3.69 1.65
N HIS A 114 -13.63 3.10 1.68
CA HIS A 114 -13.49 1.65 1.53
C HIS A 114 -13.51 0.93 2.88
N CYS A 115 -12.75 1.46 3.84
CA CYS A 115 -12.62 0.84 5.17
C CYS A 115 -13.07 1.84 6.24
N PRO A 116 -14.39 2.04 6.34
CA PRO A 116 -14.94 3.19 7.08
C PRO A 116 -14.77 3.16 8.59
N LYS A 117 -14.54 1.98 9.17
CA LYS A 117 -14.32 1.88 10.62
C LYS A 117 -12.87 1.50 10.99
N THR A 118 -12.07 1.19 9.98
CA THR A 118 -10.65 0.85 10.18
C THR A 118 -9.88 2.09 10.63
N PRO A 119 -9.19 1.98 11.76
CA PRO A 119 -8.44 3.11 12.33
C PRO A 119 -7.21 3.41 11.51
N PHE A 120 -6.69 4.61 11.63
CA PHE A 120 -5.49 4.97 10.89
C PHE A 120 -4.69 5.98 11.68
N LEU A 121 -3.38 5.93 11.47
CA LEU A 121 -2.47 6.91 12.03
C LEU A 121 -2.11 7.91 10.94
N LEU A 122 -1.88 9.14 11.34
CA LEU A 122 -1.32 10.14 10.46
C LEU A 122 0.18 10.13 10.69
N VAL A 123 0.96 9.90 9.64
CA VAL A 123 2.41 9.72 9.79
C VAL A 123 3.21 10.78 9.02
N GLY A 124 4.02 11.55 9.74
CA GLY A 124 4.89 12.53 9.11
C GLY A 124 6.22 11.88 8.76
N THR A 125 6.69 12.07 7.52
CA THR A 125 7.94 11.44 7.11
C THR A 125 9.06 12.44 6.77
N GLN A 126 10.28 11.92 6.66
CA GLN A 126 11.44 12.70 6.26
C GLN A 126 11.73 13.89 7.19
N ILE A 127 11.68 13.67 8.51
CA ILE A 127 11.84 14.78 9.47
C ILE A 127 13.27 15.24 9.64
N ASP A 128 14.19 14.62 8.90
CA ASP A 128 15.59 14.99 8.95
C ASP A 128 15.84 16.15 7.98
N LEU A 129 14.82 16.46 7.18
CA LEU A 129 14.90 17.53 6.18
C LEU A 129 14.33 18.83 6.72
N ARG A 130 13.73 18.77 7.91
CA ARG A 130 13.27 19.97 8.59
C ARG A 130 14.44 20.90 8.86
N ASP A 131 15.56 20.32 9.31
CA ASP A 131 16.77 21.07 9.60
C ASP A 131 17.84 20.79 8.56
N ASP A 132 17.50 21.08 7.30
CA ASP A 132 18.44 21.05 6.18
C ASP A 132 18.13 22.29 5.33
N PRO A 133 19.13 23.17 5.19
CA PRO A 133 18.92 24.52 4.65
C PRO A 133 18.34 24.51 3.23
N SER A 134 18.94 23.73 2.34
CA SER A 134 18.52 23.68 0.93
C SER A 134 17.04 23.35 0.72
N THR A 135 16.50 22.51 1.61
CA THR A 135 15.10 22.14 1.55
C THR A 135 14.25 23.31 2.01
N ILE A 136 14.71 23.98 3.06
CA ILE A 136 14.05 25.20 3.53
C ILE A 136 14.24 26.35 2.53
N GLU A 137 15.43 26.40 1.92
CA GLU A 137 15.72 27.38 0.86
C GLU A 137 14.74 27.23 -0.29
N LYS A 138 14.62 26.01 -0.80
CA LYS A 138 13.70 25.71 -1.91
C LYS A 138 12.24 25.97 -1.51
N LEU A 139 11.93 25.76 -0.23
CA LEU A 139 10.56 25.94 0.28
C LEU A 139 10.20 27.41 0.46
N ALA A 140 11.18 28.25 0.79
CA ALA A 140 10.94 29.69 0.90
C ALA A 140 10.51 30.27 -0.46
N LYS A 141 11.15 29.82 -1.54
CA LYS A 141 10.70 30.16 -2.90
C LYS A 141 9.36 29.49 -3.15
N ASN A 142 8.45 30.21 -3.80
CA ASN A 142 7.02 29.90 -3.76
C ASN A 142 6.46 29.54 -2.36
N LYS A 143 6.97 30.24 -1.35
CA LYS A 143 6.23 30.62 -0.12
C LYS A 143 6.10 29.66 1.07
N GLN A 144 6.46 28.38 0.91
CA GLN A 144 6.10 27.40 1.95
C GLN A 144 7.13 27.20 3.07
N LYS A 145 6.64 26.72 4.21
CA LYS A 145 7.49 26.28 5.31
C LYS A 145 7.18 24.80 5.61
N PRO A 146 8.14 24.08 6.22
CA PRO A 146 7.88 22.71 6.71
C PRO A 146 6.62 22.61 7.60
N ILE A 147 6.03 21.43 7.68
CA ILE A 147 4.85 21.20 8.52
C ILE A 147 5.29 20.84 9.92
N THR A 148 4.74 21.53 10.92
CA THR A 148 5.18 21.34 12.30
C THR A 148 4.31 20.29 12.99
N PRO A 149 4.83 19.66 14.06
CA PRO A 149 4.04 18.68 14.81
C PRO A 149 2.70 19.25 15.31
N GLU A 150 2.72 20.54 15.65
CA GLU A 150 1.54 21.26 16.09
C GLU A 150 0.40 21.23 15.05
N THR A 151 0.68 21.76 13.86
CA THR A 151 -0.32 21.86 12.81
C THR A 151 -0.73 20.47 12.30
N ALA A 152 0.20 19.53 12.32
CA ALA A 152 -0.08 18.14 11.93
C ALA A 152 -0.97 17.42 12.96
N GLU A 153 -0.74 17.71 14.25
CA GLU A 153 -1.56 17.12 15.31
C GLU A 153 -2.99 17.61 15.26
N LYS A 154 -3.16 18.86 14.85
CA LYS A 154 -4.50 19.41 14.64
C LYS A 154 -5.25 18.65 13.55
N LEU A 155 -4.61 18.43 12.41
CA LEU A 155 -5.26 17.72 11.30
C LEU A 155 -5.65 16.31 11.70
N ALA A 156 -4.82 15.69 12.54
CA ALA A 156 -5.09 14.34 13.04
C ALA A 156 -6.31 14.30 13.97
N ARG A 157 -6.45 15.36 14.77
CA ARG A 157 -7.62 15.53 15.62
C ARG A 157 -8.85 15.76 14.74
N ASP A 158 -8.71 16.65 13.77
CA ASP A 158 -9.77 16.97 12.83
C ASP A 158 -10.30 15.77 12.06
N LEU A 159 -9.41 14.99 11.45
CA LEU A 159 -9.83 13.87 10.60
C LEU A 159 -10.00 12.57 11.37
N LYS A 160 -9.81 12.64 12.69
CA LYS A 160 -10.10 11.51 13.58
C LYS A 160 -9.11 10.35 13.41
N ALA A 161 -7.85 10.70 13.18
CA ALA A 161 -6.80 9.70 13.23
C ALA A 161 -6.62 9.30 14.69
N VAL A 162 -6.09 8.11 14.92
CA VAL A 162 -5.77 7.69 16.27
C VAL A 162 -4.80 8.68 16.91
N LYS A 163 -3.77 9.04 16.16
CA LYS A 163 -2.81 10.04 16.62
C LYS A 163 -1.86 10.43 15.49
N TYR A 164 -1.08 11.47 15.73
CA TYR A 164 0.00 11.83 14.83
C TYR A 164 1.31 11.27 15.38
N VAL A 165 2.06 10.60 14.51
CA VAL A 165 3.41 10.14 14.83
C VAL A 165 4.34 10.63 13.72
N GLU A 166 5.63 10.62 13.99
CA GLU A 166 6.59 11.25 13.10
C GLU A 166 7.83 10.39 13.03
N CYS A 167 8.56 10.44 11.90
CA CYS A 167 9.79 9.67 11.79
C CYS A 167 10.70 10.06 10.64
N SER A 168 11.94 9.59 10.71
CA SER A 168 12.87 9.66 9.60
C SER A 168 13.37 8.24 9.26
N ALA A 169 13.04 7.77 8.06
CA ALA A 169 13.52 6.48 7.59
C ALA A 169 15.03 6.49 7.47
N LEU A 170 15.58 7.64 7.05
CA LEU A 170 17.04 7.80 6.87
C LEU A 170 17.83 7.66 8.17
N THR A 171 17.33 8.26 9.25
CA THR A 171 18.03 8.22 10.55
C THR A 171 17.46 7.20 11.50
N GLN A 172 16.28 6.67 11.14
CA GLN A 172 15.53 5.69 11.96
C GLN A 172 14.86 6.28 13.20
N LYS A 173 14.94 7.60 13.35
CA LYS A 173 14.29 8.30 14.47
C LYS A 173 12.78 8.11 14.43
N GLY A 174 12.19 7.69 15.55
CA GLY A 174 10.74 7.53 15.62
C GLY A 174 10.19 6.34 14.85
N LEU A 175 11.05 5.67 14.08
CA LEU A 175 10.61 4.58 13.21
C LEU A 175 9.93 3.47 14.00
N LYS A 176 10.61 2.96 15.02
CA LYS A 176 10.08 1.90 15.86
C LYS A 176 8.74 2.28 16.46
N ASN A 177 8.65 3.52 16.92
CA ASN A 177 7.44 4.00 17.58
C ASN A 177 6.22 4.05 16.64
N VAL A 178 6.44 4.47 15.39
CA VAL A 178 5.36 4.50 14.39
C VAL A 178 4.68 3.13 14.26
N PHE A 179 5.48 2.08 14.19
CA PHE A 179 4.91 0.76 14.03
C PHE A 179 4.40 0.15 15.33
N ASP A 180 5.00 0.53 16.47
CA ASP A 180 4.41 0.15 17.78
C ASP A 180 3.01 0.75 17.91
N GLU A 181 2.88 2.04 17.62
CA GLU A 181 1.56 2.68 17.70
C GLU A 181 0.56 2.07 16.75
N ALA A 182 1.01 1.76 15.54
CA ALA A 182 0.14 1.11 14.55
C ALA A 182 -0.40 -0.23 15.07
N ILE A 183 0.49 -1.05 15.62
CA ILE A 183 0.12 -2.34 16.21
C ILE A 183 -0.92 -2.17 17.31
N LEU A 184 -0.65 -1.23 18.22
CA LEU A 184 -1.59 -0.89 19.27
C LEU A 184 -2.95 -0.42 18.71
N ALA A 185 -2.93 0.53 17.78
CA ALA A 185 -4.18 1.01 17.17
C ALA A 185 -4.96 -0.11 16.49
N ALA A 186 -4.24 -1.13 16.04
CA ALA A 186 -4.86 -2.29 15.39
C ALA A 186 -5.55 -3.20 16.39
N LEU A 187 -5.01 -3.27 17.60
CA LEU A 187 -5.59 -4.09 18.66
C LEU A 187 -6.65 -3.29 19.44
N GLU A 188 -7.79 -3.02 18.83
CA GLU A 188 -8.78 -2.09 19.40
C GLU A 188 -10.23 -2.60 19.35
N PRO A 189 -11.15 -1.87 20.02
CA PRO A 189 -12.60 -1.87 19.71
C PRO A 189 -12.87 -1.84 18.21
N ALA B 16 -0.06 1.68 29.99
CA ALA B 16 -1.03 1.87 28.91
C ALA B 16 -0.77 0.89 27.77
N ARG B 17 0.28 0.07 27.93
CA ARG B 17 1.01 -0.47 26.77
C ARG B 17 1.68 -1.82 27.01
N PRO B 18 1.36 -2.83 26.18
CA PRO B 18 2.02 -4.14 26.30
C PRO B 18 3.48 -4.16 25.83
N GLU B 19 4.16 -5.25 26.14
CA GLU B 19 5.51 -5.51 25.64
C GLU B 19 5.43 -6.02 24.18
N ILE B 20 5.89 -5.21 23.24
CA ILE B 20 5.90 -5.56 21.81
C ILE B 20 7.32 -5.86 21.32
N ILE B 21 7.55 -7.11 20.93
CA ILE B 21 8.86 -7.52 20.42
C ILE B 21 8.74 -8.06 18.97
N VAL B 22 9.30 -7.33 18.01
CA VAL B 22 9.24 -7.74 16.61
C VAL B 22 10.41 -8.66 16.31
N LEU B 23 10.12 -9.87 15.84
CA LEU B 23 11.18 -10.83 15.57
C LEU B 23 11.63 -10.78 14.11
N ARG B 24 12.44 -9.78 13.76
CA ARG B 24 12.89 -9.64 12.37
C ARG B 24 13.68 -10.85 11.94
N GLU B 25 13.47 -11.21 10.68
CA GLU B 25 14.19 -12.29 10.05
C GLU B 25 14.55 -11.81 8.66
N PRO B 26 15.77 -12.12 8.21
CA PRO B 26 16.24 -11.73 6.88
C PRO B 26 15.57 -12.59 5.81
N GLY B 27 15.21 -11.99 4.67
CA GLY B 27 14.76 -12.76 3.52
C GLY B 27 13.26 -12.96 3.42
N ALA B 28 12.85 -13.66 2.36
CA ALA B 28 11.44 -13.84 2.05
C ALA B 28 10.81 -14.93 2.90
N THR B 29 10.36 -14.56 4.09
CA THR B 29 9.78 -15.52 5.04
C THR B 29 8.26 -15.55 4.90
N TRP B 30 7.72 -14.53 4.24
CA TRP B 30 6.27 -14.27 4.20
C TRP B 30 5.38 -15.44 3.80
N GLY B 31 5.89 -16.34 2.95
CA GLY B 31 5.12 -17.48 2.49
C GLY B 31 4.73 -18.43 3.62
N ASN B 32 5.50 -18.39 4.71
CA ASN B 32 5.23 -19.25 5.84
C ASN B 32 3.98 -18.79 6.60
N TYR B 33 3.58 -17.55 6.37
CA TYR B 33 2.52 -16.95 7.19
C TYR B 33 1.14 -17.03 6.56
N LEU B 34 1.08 -17.57 5.34
CA LEU B 34 -0.16 -17.63 4.59
C LEU B 34 -1.16 -18.65 5.15
N GLN B 35 -2.41 -18.23 5.30
CA GLN B 35 -3.47 -19.15 5.74
C GLN B 35 -4.19 -19.68 4.50
N HIS B 36 -3.99 -20.97 4.21
CA HIS B 36 -4.43 -21.54 2.95
C HIS B 36 -5.86 -22.09 2.94
N GLN B 37 -6.52 -22.09 4.10
CA GLN B 37 -7.82 -22.76 4.22
C GLN B 37 -9.01 -21.91 3.73
N LYS B 38 -9.75 -22.46 2.76
CA LYS B 38 -10.82 -21.74 2.04
C LYS B 38 -12.14 -21.56 2.82
N ALA B 39 -12.74 -20.38 2.71
CA ALA B 39 -14.12 -20.16 3.20
C ALA B 39 -15.12 -21.07 2.46
N SER B 40 -16.34 -21.15 2.98
CA SER B 40 -17.37 -22.06 2.45
C SER B 40 -18.07 -21.51 1.22
N ASN B 41 -18.70 -20.34 1.35
CA ASN B 41 -19.29 -19.63 0.21
C ASN B 41 -18.50 -18.37 -0.10
N HIS B 42 -18.35 -18.04 -1.38
CA HIS B 42 -17.85 -16.71 -1.79
C HIS B 42 -16.47 -16.35 -1.27
N SER B 43 -15.52 -17.27 -1.42
CA SER B 43 -14.17 -17.13 -0.88
C SER B 43 -13.51 -15.82 -1.31
N LEU B 44 -13.10 -14.99 -0.36
CA LEU B 44 -12.34 -13.77 -0.68
C LEU B 44 -10.99 -14.16 -1.24
N HIS B 45 -10.42 -15.23 -0.72
CA HIS B 45 -9.14 -15.73 -1.23
C HIS B 45 -9.20 -16.10 -2.71
N ASN B 46 -10.30 -16.73 -3.14
CA ASN B 46 -10.50 -17.06 -4.55
C ASN B 46 -10.56 -15.79 -5.37
N LEU B 47 -11.25 -14.78 -4.83
CA LEU B 47 -11.24 -13.46 -5.43
C LEU B 47 -9.79 -12.97 -5.61
N TYR B 48 -8.98 -13.06 -4.55
CA TYR B 48 -7.56 -12.68 -4.61
C TYR B 48 -6.82 -13.41 -5.72
N ASN B 49 -7.13 -14.69 -5.93
CA ASN B 49 -6.46 -15.46 -6.97
C ASN B 49 -6.82 -14.98 -8.38
N LEU B 50 -8.10 -14.65 -8.59
CA LEU B 50 -8.57 -14.17 -9.90
C LEU B 50 -7.97 -12.81 -10.19
N GLN B 51 -7.99 -11.94 -9.17
CA GLN B 51 -7.42 -10.62 -9.32
C GLN B 51 -5.93 -10.70 -9.62
N ARG B 52 -5.25 -11.63 -8.98
CA ARG B 52 -3.83 -11.83 -9.25
C ARG B 52 -3.63 -12.24 -10.72
N ASP B 53 -4.39 -13.22 -11.18
CA ASP B 53 -4.35 -13.63 -12.58
C ASP B 53 -4.60 -12.47 -13.58
N LEU B 54 -5.58 -11.61 -13.30
CA LEU B 54 -5.87 -10.44 -14.15
C LEU B 54 -4.73 -9.45 -14.14
N LEU B 55 -4.07 -9.30 -13.00
CA LEU B 55 -3.00 -8.30 -12.87
C LEU B 55 -1.74 -8.78 -13.58
N THR B 56 -1.52 -10.09 -13.56
CA THR B 56 -0.37 -10.69 -14.23
C THR B 56 -0.52 -10.57 -15.75
N VAL B 57 -1.76 -10.69 -16.25
CA VAL B 57 -2.11 -10.48 -17.66
C VAL B 57 -1.83 -9.04 -18.10
N ALA B 58 -2.24 -8.06 -17.29
CA ALA B 58 -1.98 -6.67 -17.62
C ALA B 58 -0.48 -6.35 -17.57
N ALA B 59 0.23 -6.96 -16.61
CA ALA B 59 1.69 -6.84 -16.52
C ALA B 59 2.42 -7.42 -17.75
N THR B 60 1.88 -8.49 -18.33
CA THR B 60 2.45 -9.10 -19.53
C THR B 60 2.25 -8.16 -20.74
N VAL B 61 1.07 -7.57 -20.84
CA VAL B 61 0.74 -6.65 -21.92
C VAL B 61 1.64 -5.41 -21.87
N LEU B 62 1.71 -4.78 -20.70
CA LEU B 62 2.56 -3.60 -20.51
C LEU B 62 4.04 -3.98 -20.51
N GLY B 63 4.31 -5.28 -20.52
CA GLY B 63 5.64 -5.82 -20.79
C GLY B 63 6.76 -5.37 -19.87
N LYS B 64 6.52 -5.44 -18.56
CA LYS B 64 7.55 -5.11 -17.58
C LYS B 64 8.06 -3.67 -17.75
N GLN B 65 7.17 -2.79 -18.21
CA GLN B 65 7.42 -1.35 -18.21
C GLN B 65 6.76 -0.79 -16.96
N ASP B 66 5.83 -1.56 -16.40
CA ASP B 66 5.14 -1.14 -15.20
C ASP B 66 5.16 -2.19 -14.10
N PRO B 67 6.18 -2.11 -13.23
CA PRO B 67 6.39 -3.11 -12.16
C PRO B 67 5.34 -3.04 -11.05
N VAL B 68 4.56 -1.95 -10.96
CA VAL B 68 3.48 -1.86 -9.98
C VAL B 68 2.48 -3.00 -10.15
N LEU B 69 2.12 -3.32 -11.39
CA LEU B 69 1.17 -4.37 -11.64
C LEU B 69 1.67 -5.71 -11.13
N THR B 70 2.96 -5.97 -11.28
CA THR B 70 3.54 -7.22 -10.82
C THR B 70 3.57 -7.24 -9.29
N SER B 71 3.96 -6.12 -8.68
CA SER B 71 3.99 -6.00 -7.23
C SER B 71 2.59 -6.24 -6.65
N MET B 72 1.57 -5.73 -7.31
CA MET B 72 0.21 -5.91 -6.84
C MET B 72 -0.23 -7.34 -6.96
N ALA B 73 0.12 -7.99 -8.06
CA ALA B 73 -0.08 -9.42 -8.18
C ALA B 73 0.57 -10.16 -7.00
N ASN B 74 1.80 -9.78 -6.67
CA ASN B 74 2.49 -10.38 -5.53
C ASN B 74 1.72 -10.17 -4.21
N GLN B 75 1.15 -8.99 -4.02
CA GLN B 75 0.37 -8.67 -2.84
C GLN B 75 -0.89 -9.50 -2.69
N MET B 76 -1.50 -9.86 -3.82
CA MET B 76 -2.68 -10.73 -3.82
C MET B 76 -2.37 -12.08 -3.17
N GLU B 77 -1.11 -12.50 -3.22
CA GLU B 77 -0.70 -13.67 -2.48
C GLU B 77 -0.49 -13.32 -0.99
N LEU B 78 0.27 -12.26 -0.74
CA LEU B 78 0.55 -11.81 0.63
C LEU B 78 -0.72 -11.59 1.44
N ALA B 79 -1.79 -11.16 0.76
CA ALA B 79 -3.06 -10.88 1.39
C ALA B 79 -3.66 -12.08 2.12
N LYS B 80 -3.16 -13.28 1.80
CA LYS B 80 -3.67 -14.52 2.39
C LYS B 80 -3.02 -14.83 3.74
N VAL B 81 -2.37 -13.83 4.33
CA VAL B 81 -1.94 -13.91 5.72
C VAL B 81 -3.16 -13.75 6.62
N LYS B 82 -4.19 -13.08 6.11
CA LYS B 82 -5.46 -12.93 6.81
C LYS B 82 -6.32 -14.13 6.42
N ALA B 83 -6.97 -14.73 7.42
CA ALA B 83 -7.78 -15.92 7.20
C ALA B 83 -8.93 -15.64 6.24
N ASP B 84 -9.27 -16.64 5.42
CA ASP B 84 -10.37 -16.49 4.46
C ASP B 84 -11.70 -16.22 5.17
N ARG B 85 -12.60 -15.58 4.43
CA ARG B 85 -13.97 -15.31 4.85
C ARG B 85 -14.79 -15.10 3.57
N PRO B 86 -16.13 -15.16 3.68
CA PRO B 86 -17.00 -14.77 2.55
C PRO B 86 -16.79 -13.30 2.14
N ALA B 87 -16.74 -13.05 0.83
CA ALA B 87 -16.49 -11.70 0.32
C ALA B 87 -17.72 -10.80 0.42
N THR B 88 -17.51 -9.50 0.66
CA THR B 88 -18.61 -8.54 0.66
C THR B 88 -19.05 -8.20 -0.77
N LYS B 89 -20.12 -7.43 -0.90
CA LYS B 89 -20.60 -7.09 -2.23
C LYS B 89 -19.71 -6.05 -2.90
N GLN B 90 -19.07 -5.19 -2.11
CA GLN B 90 -18.15 -4.21 -2.68
C GLN B 90 -16.87 -4.90 -3.19
N GLU B 91 -16.55 -6.03 -2.56
CA GLU B 91 -15.37 -6.80 -2.91
C GLU B 91 -15.60 -7.66 -4.15
N GLU B 92 -16.82 -8.15 -4.31
CA GLU B 92 -17.13 -9.01 -5.43
C GLU B 92 -17.35 -8.16 -6.69
N ALA B 93 -17.87 -6.95 -6.50
CA ALA B 93 -18.05 -5.98 -7.58
C ALA B 93 -16.71 -5.44 -8.07
N ALA B 94 -15.78 -5.20 -7.14
CA ALA B 94 -14.44 -4.73 -7.48
C ALA B 94 -13.71 -5.77 -8.34
N ALA B 95 -13.88 -7.05 -8.00
CA ALA B 95 -13.25 -8.11 -8.76
C ALA B 95 -13.88 -8.27 -10.14
N LYS B 96 -15.14 -7.85 -10.27
CA LYS B 96 -15.86 -7.91 -11.53
C LYS B 96 -15.41 -6.77 -12.43
N ALA B 97 -15.22 -5.60 -11.81
CA ALA B 97 -14.81 -4.39 -12.51
C ALA B 97 -13.32 -4.33 -12.86
N LEU B 98 -12.54 -5.29 -12.38
CA LEU B 98 -11.07 -5.20 -12.48
C LEU B 98 -10.56 -5.26 -13.91
N LYS B 99 -11.02 -6.24 -14.69
CA LYS B 99 -10.61 -6.38 -16.08
C LYS B 99 -10.78 -5.06 -16.85
N LYS B 100 -12.00 -4.54 -16.86
CA LYS B 100 -12.29 -3.25 -17.49
C LYS B 100 -11.31 -2.18 -17.03
N ASN B 101 -11.07 -2.12 -15.73
CA ASN B 101 -10.15 -1.11 -15.19
C ASN B 101 -8.69 -1.29 -15.63
N LEU B 102 -8.26 -2.54 -15.81
CA LEU B 102 -6.90 -2.81 -16.27
C LEU B 102 -6.74 -2.40 -17.74
N ILE B 103 -7.77 -2.72 -18.53
CA ILE B 103 -7.80 -2.34 -19.92
C ILE B 103 -7.73 -0.82 -20.06
N GLU B 104 -8.45 -0.11 -19.19
CA GLU B 104 -8.41 1.37 -19.22
C GLU B 104 -7.04 1.92 -18.87
N LEU B 105 -6.33 1.23 -17.96
CA LEU B 105 -4.96 1.65 -17.61
C LEU B 105 -4.02 1.45 -18.80
N ILE B 106 -4.06 0.24 -19.38
CA ILE B 106 -3.29 -0.07 -20.58
C ILE B 106 -3.58 0.92 -21.70
N ALA B 107 -4.86 1.18 -21.97
CA ALA B 107 -5.27 2.20 -22.94
C ALA B 107 -4.63 3.55 -22.65
N ALA B 108 -4.78 4.04 -21.42
CA ALA B 108 -4.23 5.33 -21.02
C ALA B 108 -2.72 5.36 -21.22
N ARG B 109 -2.07 4.27 -20.84
CA ARG B 109 -0.63 4.17 -20.97
C ARG B 109 -0.21 4.25 -22.45
N THR B 110 -1.00 3.64 -23.33
CA THR B 110 -0.69 3.57 -24.75
C THR B 110 -0.88 4.94 -25.43
N GLN B 111 -1.88 5.71 -25.01
CA GLN B 111 -1.94 7.12 -25.38
C GLN B 111 -0.73 7.90 -24.87
N GLN B 112 -0.25 7.60 -23.66
CA GLN B 112 0.88 8.32 -23.06
C GLN B 112 2.18 8.06 -23.83
N GLN B 113 2.62 6.79 -23.81
CA GLN B 113 3.85 6.38 -24.47
C GLN B 113 3.82 6.57 -26.00
N ASP B 114 2.79 6.01 -26.64
CA ASP B 114 2.65 6.06 -28.11
C ASP B 114 1.75 7.22 -28.55
N GLY B 115 1.65 7.46 -29.83
CA GLY B 115 0.86 8.60 -30.27
C GLY B 115 -0.65 8.40 -30.29
N LEU B 116 -1.09 7.20 -29.92
CA LEU B 116 -2.43 6.73 -30.28
C LEU B 116 -3.58 7.57 -29.73
N PRO B 117 -4.54 7.90 -30.60
CA PRO B 117 -5.82 8.48 -30.19
C PRO B 117 -6.57 7.51 -29.26
N ALA B 118 -7.33 8.06 -28.31
CA ALA B 118 -7.97 7.26 -27.25
C ALA B 118 -8.70 6.00 -27.72
N LYS B 119 -9.47 6.10 -28.80
CA LYS B 119 -10.29 4.97 -29.24
C LYS B 119 -9.43 3.86 -29.85
N GLU B 120 -8.32 4.24 -30.47
CA GLU B 120 -7.38 3.28 -31.02
C GLU B 120 -6.66 2.56 -29.89
N ALA B 121 -6.24 3.33 -28.90
CA ALA B 121 -5.59 2.81 -27.70
C ALA B 121 -6.50 1.81 -26.98
N HIS B 122 -7.78 2.17 -26.82
CA HIS B 122 -8.71 1.26 -26.17
C HIS B 122 -8.81 -0.05 -26.94
N ARG B 123 -8.92 0.06 -28.26
CA ARG B 123 -9.09 -1.13 -29.10
C ARG B 123 -7.87 -2.04 -28.98
N PHE B 124 -6.68 -1.45 -29.07
CA PHE B 124 -5.44 -2.19 -28.84
C PHE B 124 -5.45 -2.89 -27.47
N ALA B 125 -5.79 -2.14 -26.43
CA ALA B 125 -5.80 -2.66 -25.06
C ALA B 125 -6.72 -3.87 -24.90
N ALA B 126 -7.95 -3.78 -25.42
CA ALA B 126 -8.93 -4.87 -25.27
C ALA B 126 -8.44 -6.13 -25.95
N VAL B 127 -7.94 -5.96 -27.18
CA VAL B 127 -7.45 -7.10 -27.95
C VAL B 127 -6.18 -7.70 -27.34
N ALA B 128 -5.21 -6.83 -27.03
CA ALA B 128 -3.99 -7.27 -26.37
C ALA B 128 -4.27 -8.04 -25.07
N PHE B 129 -5.22 -7.55 -24.27
CA PHE B 129 -5.57 -8.19 -23.00
C PHE B 129 -6.24 -9.54 -23.22
N ARG B 130 -7.29 -9.57 -24.05
CA ARG B 130 -7.99 -10.81 -24.40
C ARG B 130 -7.01 -11.89 -24.83
N ASP B 131 -6.09 -11.53 -25.72
CA ASP B 131 -5.14 -12.50 -26.24
C ASP B 131 -4.14 -12.99 -25.20
N ALA B 132 -3.70 -12.09 -24.31
CA ALA B 132 -2.74 -12.48 -23.29
C ALA B 132 -3.41 -13.36 -22.25
N GLN B 133 -4.70 -13.12 -22.04
CA GLN B 133 -5.50 -13.89 -21.07
C GLN B 133 -5.69 -15.32 -21.57
N VAL B 134 -5.97 -15.46 -22.86
CA VAL B 134 -6.04 -16.76 -23.49
C VAL B 134 -4.72 -17.54 -23.37
N LYS B 135 -3.58 -16.89 -23.68
CA LYS B 135 -2.28 -17.55 -23.54
C LYS B 135 -2.01 -18.00 -22.10
N GLN B 136 -2.45 -17.19 -21.13
CA GLN B 136 -2.21 -17.50 -19.74
C GLN B 136 -3.00 -18.73 -19.31
N LEU B 137 -4.28 -18.74 -19.66
CA LEU B 137 -5.17 -19.86 -19.44
C LEU B 137 -4.66 -21.16 -20.09
N ASN B 138 -4.18 -21.07 -21.34
CA ASN B 138 -3.68 -22.24 -22.05
C ASN B 138 -2.30 -22.68 -21.60
N ASN B 139 -1.67 -21.89 -20.73
CA ASN B 139 -0.38 -22.23 -20.18
C ASN B 139 -0.44 -22.58 -18.69
N GLN B 140 -1.67 -22.70 -18.18
CA GLN B 140 -1.86 -23.20 -16.82
C GLN B 140 -1.44 -24.66 -16.79
N PRO B 141 -0.54 -25.01 -15.85
CA PRO B 141 0.03 -26.37 -15.80
C PRO B 141 -0.97 -27.42 -15.33
N TRP B 142 -0.67 -28.67 -15.60
CA TRP B 142 -1.42 -29.80 -15.05
C TRP B 142 -0.95 -30.09 -13.64
PB GDP C . 7.33 6.61 -2.01
O1B GDP C . 6.99 6.97 -3.43
O2B GDP C . 7.39 5.10 -1.89
O3B GDP C . 6.27 7.18 -1.09
O3A GDP C . 8.72 7.23 -1.52
PA GDP C . 10.16 6.50 -1.56
O1A GDP C . 10.38 5.84 -2.91
O2A GDP C . 10.34 5.52 -0.41
O5' GDP C . 11.13 7.77 -1.32
C5' GDP C . 11.18 8.82 -2.32
C4' GDP C . 12.43 9.68 -2.18
O4' GDP C . 12.51 10.23 -0.84
C3' GDP C . 13.67 8.83 -2.38
O3' GDP C . 14.62 9.57 -3.17
C2' GDP C . 14.19 8.58 -0.98
O2' GDP C . 15.60 8.41 -0.91
C1' GDP C . 13.75 9.83 -0.23
N9 GDP C . 13.47 9.55 1.19
C8 GDP C . 12.60 8.64 1.68
N7 GDP C . 12.59 8.68 3.05
C5 GDP C . 13.48 9.61 3.43
C6 GDP C . 13.95 10.15 4.71
O6 GDP C . 13.51 9.70 5.81
N1 GDP C . 14.88 11.12 4.67
C2 GDP C . 15.37 11.62 3.52
N2 GDP C . 16.30 12.60 3.57
N3 GDP C . 14.98 11.16 2.30
C4 GDP C . 14.05 10.19 2.21
MG MG D . 7.01 3.72 -3.21
#